data_7UUU
#
_entry.id   7UUU
#
_cell.length_a   50.810
_cell.length_b   50.810
_cell.length_c   99.090
_cell.angle_alpha   90.000
_cell.angle_beta   90.000
_cell.angle_gamma   90.000
#
_symmetry.space_group_name_H-M   'P 42 21 2'
#
loop_
_entity.id
_entity.type
_entity.pdbx_description
1 polymer 'Bromodomain testis-specific protein'
2 non-polymer 'prop-2-en-1-yl (5S)-1-ethyl-7-methyl-5-(4-methylphenyl)-2,4-dioxo-1,2,3,4,5,8-hexahydropyrido[2,3-d]pyrimidine-6-carboxylate'
3 non-polymer 1,2-ETHANEDIOL
4 water water
#
_entity_poly.entity_id   1
_entity_poly.type   'polypeptide(L)'
_entity_poly.pdbx_seq_one_letter_code
;GAASTNQLQYLQKVVLKDLWKHSFSWPFQRPVDAVKLQLPDYYTIIKNPMDLNTIKKRLENKYYAKASECIEDFNTMFSN
CYLYNKPGDDIVLMAQALEKLFMQKLSQMPQEE
;
_entity_poly.pdbx_strand_id   A
#
loop_
_chem_comp.id
_chem_comp.type
_chem_comp.name
_chem_comp.formula
EDO non-polymer 1,2-ETHANEDIOL 'C2 H6 O2'
OFR non-polymer 'prop-2-en-1-yl (5S)-1-ethyl-7-methyl-5-(4-methylphenyl)-2,4-dioxo-1,2,3,4,5,8-hexahydropyrido[2,3-d]pyrimidine-6-carboxylate' 'C21 H23 N3 O4'
#
# COMPACT_ATOMS: atom_id res chain seq x y z
N GLY A 1 -17.29 19.89 -7.43
CA GLY A 1 -17.52 19.70 -6.00
C GLY A 1 -16.26 19.86 -5.17
N ALA A 2 -16.40 19.82 -3.85
CA ALA A 2 -15.27 20.05 -2.96
C ALA A 2 -14.15 19.06 -3.24
N ALA A 3 -12.92 19.54 -3.12
CA ALA A 3 -11.77 18.66 -3.31
C ALA A 3 -11.67 17.68 -2.14
N SER A 4 -10.79 16.70 -2.30
CA SER A 4 -10.61 15.68 -1.28
C SER A 4 -10.09 16.31 0.00
N THR A 5 -10.20 15.57 1.10
CA THR A 5 -9.74 16.14 2.36
C THR A 5 -8.24 16.44 2.28
N ASN A 6 -7.77 17.31 3.18
CA ASN A 6 -6.34 17.62 3.19
C ASN A 6 -5.52 16.37 3.46
N GLN A 7 -6.03 15.43 4.28
CA GLN A 7 -5.28 14.20 4.53
C GLN A 7 -5.19 13.32 3.28
N LEU A 8 -6.29 13.20 2.52
CA LEU A 8 -6.23 12.45 1.27
C LEU A 8 -5.30 13.10 0.26
N GLN A 9 -5.27 14.45 0.21
CA GLN A 9 -4.32 15.12 -0.68
C GLN A 9 -2.88 14.77 -0.29
N TYR A 10 -2.61 14.71 1.01
CA TYR A 10 -1.27 14.33 1.46
C TYR A 10 -0.96 12.90 1.07
N LEU A 11 -1.92 11.99 1.26
CA LEU A 11 -1.66 10.60 0.91
C LEU A 11 -1.33 10.48 -0.57
N GLN A 12 -2.02 11.22 -1.39
CA GLN A 12 -1.80 11.14 -2.85
C GLN A 12 -0.51 11.81 -3.28
N LYS A 13 -0.26 13.02 -2.81
CA LYS A 13 0.85 13.83 -3.32
C LYS A 13 2.17 13.53 -2.63
N VAL A 14 2.15 13.03 -1.41
CA VAL A 14 3.37 12.80 -0.65
C VAL A 14 3.58 11.30 -0.38
N VAL A 15 2.60 10.61 0.23
CA VAL A 15 2.88 9.28 0.72
C VAL A 15 3.01 8.30 -0.45
N LEU A 16 2.02 8.26 -1.34
CA LEU A 16 2.07 7.32 -2.45
C LEU A 16 3.38 7.46 -3.22
N LYS A 17 3.75 8.69 -3.56
CA LYS A 17 4.97 8.94 -4.33
C LYS A 17 6.20 8.42 -3.62
N ASP A 18 6.28 8.65 -2.31
N ASP A 18 6.29 8.66 -2.31
CA ASP A 18 7.48 8.25 -1.60
CA ASP A 18 7.46 8.24 -1.56
C ASP A 18 7.59 6.72 -1.52
C ASP A 18 7.59 6.72 -1.53
N LEU A 19 6.49 6.01 -1.26
CA LEU A 19 6.55 4.56 -1.28
C LEU A 19 6.93 4.04 -2.67
N TRP A 20 6.35 4.62 -3.71
CA TRP A 20 6.64 4.14 -5.06
C TRP A 20 8.12 4.27 -5.36
N LYS A 21 8.73 5.38 -4.95
CA LYS A 21 10.13 5.63 -5.26
C LYS A 21 11.11 4.80 -4.44
N HIS A 22 10.68 4.27 -3.30
CA HIS A 22 11.53 3.39 -2.50
C HIS A 22 12.02 2.22 -3.34
N SER A 23 13.30 1.87 -3.21
CA SER A 23 13.90 0.83 -4.05
C SER A 23 13.24 -0.53 -3.88
N PHE A 24 12.54 -0.76 -2.79
CA PHE A 24 11.90 -2.04 -2.55
C PHE A 24 10.44 -2.09 -2.99
N SER A 25 9.96 -1.08 -3.72
CA SER A 25 8.53 -1.05 -4.03
C SER A 25 8.14 -1.98 -5.17
N TRP A 26 9.09 -2.49 -5.96
CA TRP A 26 8.68 -3.13 -7.22
C TRP A 26 7.72 -4.32 -7.02
N PRO A 27 7.81 -5.16 -5.98
CA PRO A 27 6.82 -6.26 -5.83
C PRO A 27 5.43 -5.75 -5.56
N PHE A 28 5.29 -4.47 -5.18
CA PHE A 28 4.05 -3.93 -4.65
C PHE A 28 3.46 -2.90 -5.60
N GLN A 29 4.06 -2.72 -6.77
CA GLN A 29 3.62 -1.67 -7.67
C GLN A 29 2.32 -2.01 -8.38
N ARG A 30 2.13 -3.25 -8.78
CA ARG A 30 1.02 -3.67 -9.64
C ARG A 30 0.29 -4.84 -9.00
N PRO A 31 -0.97 -5.10 -9.41
CA PRO A 31 -1.69 -6.27 -8.89
C PRO A 31 -0.91 -7.56 -9.09
N VAL A 32 -0.94 -8.40 -8.07
CA VAL A 32 -0.22 -9.68 -8.11
C VAL A 32 -0.89 -10.58 -9.12
N ASP A 33 -0.14 -10.98 -10.16
CA ASP A 33 -0.54 -12.02 -11.11
C ASP A 33 0.07 -13.31 -10.59
N ALA A 34 -0.69 -14.01 -9.74
CA ALA A 34 -0.12 -15.14 -9.02
C ALA A 34 0.29 -16.26 -9.95
N VAL A 35 -0.44 -16.47 -11.05
CA VAL A 35 -0.06 -17.50 -11.99
C VAL A 35 1.28 -17.16 -12.64
N LYS A 36 1.41 -15.92 -13.12
CA LYS A 36 2.66 -15.55 -13.76
C LYS A 36 3.83 -15.57 -12.78
N LEU A 37 3.58 -15.22 -11.53
CA LEU A 37 4.63 -15.11 -10.51
C LEU A 37 4.86 -16.41 -9.76
N GLN A 38 4.17 -17.50 -10.13
CA GLN A 38 4.45 -18.81 -9.55
C GLN A 38 4.18 -18.84 -8.05
N LEU A 39 3.05 -18.24 -7.65
CA LEU A 39 2.63 -18.12 -6.25
C LEU A 39 1.42 -19.01 -6.02
N PRO A 40 1.62 -20.28 -5.64
CA PRO A 40 0.48 -21.18 -5.48
C PRO A 40 -0.45 -20.78 -4.34
N ASP A 41 -1.74 -20.96 -4.59
CA ASP A 41 -2.81 -20.73 -3.62
C ASP A 41 -2.93 -19.27 -3.20
N TYR A 42 -2.34 -18.34 -3.95
CA TYR A 42 -2.39 -16.93 -3.56
C TYR A 42 -3.82 -16.41 -3.42
N TYR A 43 -4.71 -16.73 -4.39
CA TYR A 43 -6.04 -16.13 -4.37
C TYR A 43 -6.97 -16.84 -3.40
N THR A 44 -6.60 -18.04 -2.96
CA THR A 44 -7.32 -18.70 -1.87
C THR A 44 -6.98 -18.06 -0.54
N ILE A 45 -5.74 -17.63 -0.38
CA ILE A 45 -5.28 -17.11 0.89
C ILE A 45 -5.53 -15.62 1.00
N ILE A 46 -5.40 -14.90 -0.12
CA ILE A 46 -5.48 -13.45 -0.15
C ILE A 46 -6.81 -13.07 -0.81
N LYS A 47 -7.79 -12.73 0.02
CA LYS A 47 -9.10 -12.45 -0.55
C LYS A 47 -9.25 -11.00 -1.01
N ASN A 48 -8.37 -10.11 -0.57
CA ASN A 48 -8.46 -8.70 -0.93
C ASN A 48 -7.09 -8.26 -1.42
N PRO A 49 -6.77 -8.58 -2.67
CA PRO A 49 -5.52 -8.09 -3.24
C PRO A 49 -5.47 -6.57 -3.24
N MET A 50 -4.25 -6.03 -2.98
CA MET A 50 -4.10 -4.60 -3.08
C MET A 50 -2.64 -4.30 -3.43
N ASP A 51 -2.45 -3.17 -4.13
CA ASP A 51 -1.16 -2.76 -4.64
C ASP A 51 -1.13 -1.25 -4.80
N LEU A 52 0.07 -0.71 -5.04
CA LEU A 52 0.23 0.73 -5.07
C LEU A 52 -0.45 1.39 -6.27
N ASN A 53 -0.42 0.74 -7.45
CA ASN A 53 -1.05 1.35 -8.62
C ASN A 53 -2.57 1.45 -8.42
N THR A 54 -3.16 0.42 -7.82
CA THR A 54 -4.59 0.48 -7.54
C THR A 54 -4.91 1.61 -6.56
N ILE A 55 -4.10 1.78 -5.52
CA ILE A 55 -4.30 2.89 -4.59
C ILE A 55 -4.15 4.22 -5.30
N LYS A 56 -3.16 4.32 -6.19
CA LYS A 56 -2.96 5.54 -6.96
C LYS A 56 -4.19 5.88 -7.79
N LYS A 57 -4.72 4.88 -8.49
CA LYS A 57 -5.90 5.11 -9.31
C LYS A 57 -7.10 5.51 -8.46
N ARG A 58 -7.23 4.88 -7.29
CA ARG A 58 -8.33 5.24 -6.39
C ARG A 58 -8.20 6.67 -5.92
N LEU A 59 -7.00 7.10 -5.52
CA LEU A 59 -6.84 8.48 -5.09
C LEU A 59 -7.14 9.44 -6.24
N GLU A 60 -6.68 9.11 -7.44
CA GLU A 60 -6.85 10.02 -8.57
C GLU A 60 -8.30 10.13 -9.03
N ASN A 61 -9.13 9.15 -8.68
CA ASN A 61 -10.51 9.10 -9.11
C ASN A 61 -11.51 9.27 -7.95
N LYS A 62 -11.07 9.83 -6.82
CA LYS A 62 -11.95 10.18 -5.70
C LYS A 62 -12.69 8.98 -5.12
N TYR A 63 -12.08 7.80 -5.17
CA TYR A 63 -12.71 6.61 -4.61
C TYR A 63 -12.93 6.75 -3.11
N TYR A 64 -11.99 7.37 -2.40
CA TYR A 64 -12.07 7.41 -0.94
C TYR A 64 -12.77 8.67 -0.48
N ALA A 65 -13.70 8.52 0.48
CA ALA A 65 -14.27 9.70 1.11
C ALA A 65 -13.34 10.28 2.16
N LYS A 66 -12.53 9.46 2.81
CA LYS A 66 -11.64 9.99 3.85
C LYS A 66 -10.41 9.12 3.98
N ALA A 67 -9.46 9.67 4.71
CA ALA A 67 -8.11 9.11 4.72
C ALA A 67 -8.05 7.69 5.29
N SER A 68 -8.87 7.36 6.30
CA SER A 68 -8.73 6.06 6.95
C SER A 68 -8.89 4.91 5.96
N GLU A 69 -9.82 5.02 5.01
CA GLU A 69 -9.99 3.90 4.10
C GLU A 69 -8.80 3.76 3.18
N CYS A 70 -8.13 4.84 2.84
CA CYS A 70 -6.92 4.75 2.04
C CYS A 70 -5.78 4.14 2.87
N ILE A 71 -5.60 4.61 4.11
CA ILE A 71 -4.64 4.00 5.00
C ILE A 71 -4.85 2.51 5.08
N GLU A 72 -6.10 2.08 5.15
CA GLU A 72 -6.40 0.66 5.28
C GLU A 72 -6.01 -0.10 4.03
N ASP A 73 -6.10 0.51 2.85
CA ASP A 73 -5.63 -0.17 1.64
C ASP A 73 -4.12 -0.35 1.62
N PHE A 74 -3.35 0.69 2.00
CA PHE A 74 -1.90 0.49 2.14
C PHE A 74 -1.66 -0.65 3.12
N ASN A 75 -2.39 -0.70 4.25
N ASN A 75 -2.34 -0.62 4.24
CA ASN A 75 -2.14 -1.73 5.27
CA ASN A 75 -2.11 -1.65 5.22
C ASN A 75 -2.53 -3.14 4.80
C ASN A 75 -2.35 -3.03 4.62
N THR A 76 -3.52 -3.23 3.93
CA THR A 76 -3.86 -4.53 3.36
C THR A 76 -2.77 -5.05 2.43
N MET A 77 -2.19 -4.17 1.64
CA MET A 77 -1.01 -4.52 0.87
C MET A 77 0.08 -5.19 1.69
N PHE A 78 0.46 -4.56 2.83
CA PHE A 78 1.53 -5.13 3.65
C PHE A 78 1.05 -6.43 4.29
N SER A 79 -0.15 -6.42 4.86
N SER A 79 -0.17 -6.43 4.84
CA SER A 79 -0.63 -7.62 5.54
CA SER A 79 -0.68 -7.60 5.55
C SER A 79 -0.76 -8.81 4.60
C SER A 79 -0.89 -8.81 4.63
N ASN A 80 -1.19 -8.57 3.36
CA ASN A 80 -1.26 -9.66 2.40
C ASN A 80 0.11 -10.32 2.26
N CYS A 81 1.17 -9.52 2.18
CA CYS A 81 2.52 -10.05 2.09
C CYS A 81 2.87 -10.85 3.34
N TYR A 82 2.57 -10.31 4.53
CA TYR A 82 2.93 -11.01 5.75
C TYR A 82 2.18 -12.33 5.89
N LEU A 83 0.92 -12.38 5.45
CA LEU A 83 0.13 -13.58 5.62
C LEU A 83 0.59 -14.68 4.66
N TYR A 84 0.82 -14.31 3.39
CA TYR A 84 1.10 -15.30 2.37
C TYR A 84 2.51 -15.86 2.49
N ASN A 85 3.47 -15.00 2.87
CA ASN A 85 4.88 -15.37 2.92
C ASN A 85 5.26 -15.77 4.33
N LYS A 86 6.56 -15.97 4.57
CA LYS A 86 7.05 -16.55 5.80
C LYS A 86 8.00 -15.58 6.46
N PRO A 87 8.07 -15.56 7.78
CA PRO A 87 9.18 -14.87 8.45
C PRO A 87 10.52 -15.36 7.91
N GLY A 88 11.43 -14.40 7.70
CA GLY A 88 12.72 -14.68 7.15
C GLY A 88 12.78 -14.56 5.66
N ASP A 89 11.64 -14.42 4.99
CA ASP A 89 11.66 -14.26 3.55
C ASP A 89 12.11 -12.84 3.19
N ASP A 90 12.91 -12.73 2.13
CA ASP A 90 13.32 -11.41 1.71
C ASP A 90 12.14 -10.50 1.36
N ILE A 91 11.07 -11.04 0.76
N ILE A 91 11.07 -11.05 0.78
CA ILE A 91 9.98 -10.14 0.42
CA ILE A 91 9.93 -10.22 0.39
C ILE A 91 9.36 -9.52 1.67
C ILE A 91 9.25 -9.61 1.61
N VAL A 92 9.34 -10.27 2.78
CA VAL A 92 8.80 -9.74 4.03
C VAL A 92 9.67 -8.57 4.51
N LEU A 93 11.00 -8.69 4.39
CA LEU A 93 11.86 -7.57 4.78
C LEU A 93 11.59 -6.37 3.90
N MET A 94 11.28 -6.59 2.63
CA MET A 94 10.94 -5.50 1.73
C MET A 94 9.66 -4.81 2.16
N ALA A 95 8.59 -5.58 2.42
CA ALA A 95 7.34 -5.00 2.91
C ALA A 95 7.56 -4.24 4.21
N GLN A 96 8.34 -4.81 5.13
CA GLN A 96 8.60 -4.15 6.41
C GLN A 96 9.28 -2.81 6.21
N ALA A 97 10.24 -2.72 5.26
CA ALA A 97 10.90 -1.44 5.00
C ALA A 97 9.90 -0.42 4.44
N LEU A 98 9.10 -0.84 3.47
N LEU A 98 9.04 -0.82 3.50
CA LEU A 98 8.06 0.06 2.97
CA LEU A 98 8.02 0.12 2.99
C LEU A 98 7.17 0.52 4.11
C LEU A 98 7.04 0.51 4.08
N GLU A 99 6.71 -0.43 4.95
CA GLU A 99 5.76 -0.12 5.99
C GLU A 99 6.37 0.87 6.98
N LYS A 100 7.67 0.71 7.31
CA LYS A 100 8.33 1.67 8.21
C LYS A 100 8.28 3.07 7.60
N LEU A 101 8.61 3.18 6.31
CA LEU A 101 8.50 4.47 5.62
C LEU A 101 7.07 4.99 5.66
N PHE A 102 6.09 4.11 5.38
CA PHE A 102 4.67 4.51 5.44
C PHE A 102 4.34 5.13 6.79
N MET A 103 4.78 4.46 7.89
CA MET A 103 4.48 4.98 9.23
C MET A 103 5.14 6.34 9.44
N GLN A 104 6.37 6.51 8.95
CA GLN A 104 7.08 7.77 9.06
C GLN A 104 6.31 8.88 8.34
N LYS A 105 5.85 8.61 7.13
CA LYS A 105 5.15 9.65 6.38
C LYS A 105 3.79 9.92 6.98
N LEU A 106 3.10 8.89 7.50
CA LEU A 106 1.82 9.17 8.18
C LEU A 106 2.02 10.08 9.37
N SER A 107 3.14 9.93 10.10
CA SER A 107 3.34 10.75 11.27
C SER A 107 3.50 12.22 10.90
N GLN A 108 3.89 12.52 9.65
CA GLN A 108 4.01 13.88 9.17
C GLN A 108 2.76 14.42 8.48
N MET A 109 1.74 13.59 8.31
CA MET A 109 0.45 14.03 7.80
C MET A 109 -0.17 15.13 8.66
N PRO A 110 -0.85 16.11 8.07
CA PRO A 110 -1.61 17.07 8.88
C PRO A 110 -2.64 16.41 9.76
N GLN A 111 -2.84 17.00 10.92
CA GLN A 111 -3.77 16.51 11.92
C GLN A 111 -5.18 16.88 11.52
N GLU A 112 -6.11 15.96 11.76
CA GLU A 112 -7.53 16.32 11.76
C GLU A 112 -7.89 17.25 12.94
N GLU A 113 -9.06 17.87 12.85
CA GLU A 113 -9.57 18.65 13.98
C GLU A 113 -10.08 17.78 15.16
C10 OFR B . 5.76 -11.70 -4.84
C13 OFR B . 6.74 -9.93 -8.01
C15 OFR B . 7.92 -12.87 -5.63
C17 OFR B . 9.38 -10.97 -4.67
C20 OFR B . 12.71 -10.93 -2.74
C21 OFR B . 11.25 -12.72 -3.68
C22 OFR B . 10.15 -13.20 -4.38
C26 OFR B . 9.73 -13.99 -9.07
C28 OFR B . 8.58 -15.46 -10.75
C01 OFR B . 3.85 -9.21 -3.53
C02 OFR B . 3.67 -10.53 -4.19
C04 OFR B . 4.54 -12.35 -2.80
C07 OFR B . 6.62 -13.60 -3.49
C09 OFR B . 6.74 -12.74 -4.66
C12 OFR B . 6.80 -10.94 -6.91
C14 OFR B . 7.84 -11.96 -6.80
C16 OFR B . 9.17 -12.34 -4.87
C18 OFR B . 10.51 -10.49 -3.99
C19 OFR B . 11.45 -11.37 -3.49
C23 OFR B . 8.85 -12.13 -7.87
C27 OFR B . 8.49 -14.57 -9.79
N03 OFR B . 4.68 -11.51 -3.95
N06 OFR B . 5.52 -13.37 -2.62
N11 OFR B . 5.82 -10.77 -5.92
O05 OFR B . 3.67 -12.18 -2.01
O08 OFR B . 7.37 -14.51 -3.28
O24 OFR B . 9.03 -11.40 -8.81
O25 OFR B . 9.36 -13.42 -7.81
H131 OFR B . 7.50 -10.06 -8.60
H132 OFR B . 6.76 -9.05 -7.62
H133 OFR B . 5.91 -10.05 -8.51
H151 OFR B . 7.96 -13.79 -5.92
H171 OFR B . 8.75 -10.37 -4.98
H202 OFR B . 13.29 -11.69 -2.60
H201 OFR B . 12.46 -10.55 -1.88
H203 OFR B . 13.18 -10.26 -3.26
H211 OFR B . 11.87 -13.32 -3.35
H221 OFR B . 10.06 -14.12 -4.51
H261 OFR B . 10.13 -13.31 -9.63
H262 OFR B . 10.37 -14.71 -8.91
H281 OFR B . 7.81 -15.78 -11.16
H282 OFR B . 9.41 -15.78 -11.03
H011 OFR B . 3.15 -8.60 -3.83
H013 OFR B . 4.72 -8.85 -3.77
H012 OFR B . 3.80 -9.32 -2.58
H022 OFR B . 2.83 -10.90 -3.89
H021 OFR B . 3.63 -10.38 -5.15
H181 OFR B . 10.63 -9.59 -3.87
H271 OFR B . 7.66 -14.28 -9.52
H061 OFR B . 5.43 -13.89 -1.94
H111 OFR B . 5.27 -10.12 -5.97
C1 EDO C . 11.71 6.88 12.83
O1 EDO C . 10.76 7.91 12.55
C2 EDO C . 10.99 5.60 13.20
O2 EDO C . 10.81 4.85 11.99
H11 EDO C . 12.36 7.19 13.65
H12 EDO C . 12.34 6.71 11.95
HO1 EDO C . 11.20 8.76 12.52
H21 EDO C . 11.58 5.02 13.92
H22 EDO C . 10.03 5.82 13.65
HO2 EDO C . 10.35 4.03 12.19
C1 EDO D . -4.47 -19.77 -6.65
O1 EDO D . -4.22 -18.37 -6.80
C2 EDO D . -5.65 -19.96 -5.71
O2 EDO D . -6.85 -19.46 -6.33
H11 EDO D . -4.69 -20.22 -7.63
H12 EDO D . -3.58 -20.27 -6.24
HO1 EDO D . -3.46 -18.23 -7.38
H21 EDO D . -5.78 -21.02 -5.48
H22 EDO D . -5.47 -19.43 -4.78
HO2 EDO D . -7.58 -19.51 -5.69
C1 EDO E . 8.30 -17.33 -4.78
O1 EDO E . 7.65 -18.34 -3.98
C2 EDO E . 8.67 -17.94 -6.13
O2 EDO E . 8.43 -16.94 -7.14
H11 EDO E . 7.63 -16.48 -4.90
H12 EDO E . 9.20 -16.98 -4.26
HO1 EDO E . 7.45 -17.99 -3.10
H21 EDO E . 8.05 -18.82 -6.33
H22 EDO E . 9.71 -18.24 -6.14
HO2 EDO E . 8.64 -17.31 -8.01
C1 EDO F . 13.93 -6.38 -10.21
O1 EDO F . 14.68 -5.41 -9.49
C2 EDO F . 12.70 -5.72 -10.81
O2 EDO F . 12.08 -6.61 -11.74
H11 EDO F . 13.61 -7.19 -9.55
H12 EDO F . 14.53 -6.81 -11.01
HO1 EDO F . 15.46 -5.82 -9.11
H21 EDO F . 11.99 -5.45 -10.03
H22 EDO F . 12.98 -4.79 -11.32
HO2 EDO F . 11.29 -6.20 -12.12
#